data_6LJM
#
_entry.id   6LJM
#
_cell.length_a   42.200
_cell.length_b   55.275
_cell.length_c   124.524
_cell.angle_alpha   90.00
_cell.angle_beta   90.00
_cell.angle_gamma   90.00
#
_symmetry.space_group_name_H-M   'P 21 2 21'
#
loop_
_entity.id
_entity.type
_entity.pdbx_description
1 polymer 'NAD-dependent protein deacylase sirtuin-5, mitochondrial'
2 polymer ACE-SER-LEU-GLY-SLL
3 non-polymer 'ZINC ION'
4 non-polymer 7-AMINO-4-METHYL-CHROMEN-2-ONE
5 water water
#
loop_
_entity_poly.entity_id
_entity_poly.type
_entity_poly.pdbx_seq_one_letter_code
_entity_poly.pdbx_strand_id
1 'polypeptide(L)'
;QASARPSSSMADFRKFFAKAKHIVIISGAGVSAESGVPTFRGAGGYWRKWQAQDLATPLAFAHNPSRVWEFYHYRREVMG
SKEPNAGHRAIAECETRLGKQGRRVVVITQNIDELHRKAGTKNLLEIHGSLFKTRCTSCGVVAENYKSPICPALSGKGAP
EPGTQDASIPVEKLPRCEEAGCGGLLRPHVVWFGENLDPAILEEVDRELAHCDLCLVVGTSSVVYPAAMFAPQVAARGVP
VAEFNTETTPATNRFRFHFQGPCGTTLPEALA
;
A
2 'polypeptide(L)' (ACE)SLG(SLL) B
#
# COMPACT_ATOMS: atom_id res chain seq x y z
N PRO A 6 -5.18 3.35 26.09
CA PRO A 6 -6.25 3.11 25.11
C PRO A 6 -6.96 1.77 25.30
N SER A 7 -8.27 1.75 25.11
CA SER A 7 -9.08 0.57 25.41
C SER A 7 -8.75 -0.60 24.48
N SER A 8 -8.82 -1.81 25.05
CA SER A 8 -8.73 -3.03 24.26
C SER A 8 -10.04 -3.81 24.32
N SER A 9 -11.15 -3.12 24.61
CA SER A 9 -12.45 -3.78 24.73
C SER A 9 -13.09 -3.93 23.35
N MET A 10 -13.03 -5.15 22.82
CA MET A 10 -13.67 -5.43 21.53
C MET A 10 -15.16 -5.11 21.57
N ALA A 11 -15.84 -5.44 22.67
CA ALA A 11 -17.27 -5.22 22.73
C ALA A 11 -17.59 -3.73 22.66
N ASP A 12 -16.77 -2.88 23.28
CA ASP A 12 -16.99 -1.45 23.20
C ASP A 12 -16.74 -0.94 21.78
N PHE A 13 -15.68 -1.43 21.14
CA PHE A 13 -15.44 -1.04 19.76
C PHE A 13 -16.61 -1.42 18.88
N ARG A 14 -17.12 -2.65 19.04
CA ARG A 14 -18.23 -3.13 18.23
C ARG A 14 -19.45 -2.23 18.37
N LYS A 15 -19.62 -1.61 19.54
CA LYS A 15 -20.72 -0.67 19.70
C LYS A 15 -20.53 0.55 18.80
N PHE A 16 -19.32 1.10 18.74
CA PHE A 16 -19.07 2.19 17.80
C PHE A 16 -19.27 1.69 16.37
N PHE A 17 -18.67 0.54 16.06
CA PHE A 17 -18.72 -0.01 14.71
C PHE A 17 -20.16 -0.15 14.22
N ALA A 18 -21.05 -0.60 15.11
CA ALA A 18 -22.43 -0.84 14.73
C ALA A 18 -23.13 0.43 14.25
N LYS A 19 -22.70 1.58 14.75
CA LYS A 19 -23.36 2.85 14.44
C LYS A 19 -22.66 3.63 13.34
N ALA A 20 -21.46 3.25 12.97
CA ALA A 20 -20.62 4.06 12.11
C ALA A 20 -21.16 4.01 10.68
N LYS A 21 -21.30 5.18 10.07
CA LYS A 21 -21.82 5.30 8.72
C LYS A 21 -20.73 5.60 7.70
N HIS A 22 -19.54 5.98 8.15
CA HIS A 22 -18.47 6.33 7.22
C HIS A 22 -17.14 5.95 7.87
N ILE A 23 -16.63 4.76 7.52
CA ILE A 23 -15.42 4.23 8.14
C ILE A 23 -14.23 4.47 7.20
N VAL A 24 -13.17 5.08 7.74
CA VAL A 24 -11.88 5.16 7.07
C VAL A 24 -10.98 4.10 7.66
N ILE A 25 -10.34 3.32 6.78
CA ILE A 25 -9.42 2.27 7.18
C ILE A 25 -8.09 2.61 6.54
N ILE A 26 -7.09 2.92 7.37
CA ILE A 26 -5.75 3.23 6.91
C ILE A 26 -4.93 1.97 7.05
N SER A 27 -4.43 1.47 5.93
CA SER A 27 -3.82 0.15 5.84
C SER A 27 -2.34 0.29 5.57
N GLY A 28 -1.50 -0.22 6.48
CA GLY A 28 -0.07 -0.18 6.33
C GLY A 28 0.58 -1.51 5.97
N ALA A 29 1.92 -1.49 6.03
CA ALA A 29 2.74 -2.57 5.51
C ALA A 29 2.44 -3.91 6.19
N GLY A 30 1.94 -3.88 7.42
CA GLY A 30 1.71 -5.11 8.14
C GLY A 30 0.66 -5.97 7.51
N VAL A 31 -0.33 -5.36 6.85
CA VAL A 31 -1.36 -6.14 6.18
C VAL A 31 -0.75 -6.94 5.04
N SER A 32 0.16 -6.33 4.28
CA SER A 32 0.82 -7.03 3.19
C SER A 32 1.82 -8.06 3.72
N ALA A 33 2.49 -7.74 4.81
CA ALA A 33 3.45 -8.69 5.35
C ALA A 33 2.76 -9.97 5.81
N GLU A 34 1.51 -9.87 6.27
CA GLU A 34 0.82 -11.08 6.68
C GLU A 34 0.46 -11.97 5.51
N SER A 35 0.54 -11.48 4.28
CA SER A 35 0.37 -12.30 3.11
C SER A 35 1.71 -12.74 2.55
N GLY A 36 2.81 -12.46 3.25
CA GLY A 36 4.09 -12.89 2.73
C GLY A 36 4.64 -12.02 1.64
N VAL A 37 4.15 -10.79 1.51
CA VAL A 37 4.64 -9.94 0.43
C VAL A 37 5.94 -9.30 0.89
N PRO A 38 7.05 -9.51 0.18
CA PRO A 38 8.28 -8.81 0.56
C PRO A 38 8.18 -7.31 0.30
N THR A 39 8.68 -6.52 1.26
CA THR A 39 8.65 -5.05 1.19
C THR A 39 10.01 -4.43 0.91
N PHE A 40 11.08 -5.19 1.14
CA PHE A 40 12.45 -4.74 0.94
C PHE A 40 12.73 -3.45 1.71
N ARG A 41 12.05 -3.30 2.84
CA ARG A 41 12.31 -2.23 3.79
C ARG A 41 12.64 -2.90 5.13
N GLY A 42 13.38 -2.20 5.98
CA GLY A 42 13.53 -2.65 7.34
C GLY A 42 14.52 -3.80 7.45
N ALA A 43 14.61 -4.34 8.66
CA ALA A 43 15.74 -5.21 8.95
C ALA A 43 15.66 -6.47 8.09
N GLY A 44 16.76 -6.77 7.41
CA GLY A 44 16.86 -8.00 6.67
C GLY A 44 16.21 -8.01 5.31
N GLY A 45 15.41 -7.00 4.96
CA GLY A 45 14.63 -7.09 3.72
C GLY A 45 15.39 -6.55 2.52
N TYR A 46 16.05 -7.45 1.76
CA TYR A 46 16.93 -7.06 0.68
C TYR A 46 16.54 -7.77 -0.62
N TRP A 47 16.86 -7.11 -1.72
CA TRP A 47 16.81 -7.65 -3.07
C TRP A 47 18.24 -7.52 -3.59
N ARG A 48 18.90 -8.65 -3.80
CA ARG A 48 20.32 -8.66 -4.12
C ARG A 48 21.02 -7.92 -2.97
N LYS A 49 21.80 -6.86 -3.24
CA LYS A 49 22.51 -6.11 -2.21
C LYS A 49 21.80 -4.83 -1.83
N TRP A 50 20.56 -4.64 -2.28
CA TRP A 50 19.89 -3.36 -2.14
C TRP A 50 18.61 -3.51 -1.33
N GLN A 51 18.18 -2.37 -0.79
CA GLN A 51 16.85 -2.22 -0.21
C GLN A 51 16.07 -1.20 -1.04
N ALA A 52 14.78 -1.05 -0.73
CA ALA A 52 13.96 -0.16 -1.55
C ALA A 52 14.51 1.25 -1.52
N GLN A 53 15.05 1.68 -0.37
CA GLN A 53 15.67 3.00 -0.25
C GLN A 53 16.74 3.23 -1.30
N ASP A 54 17.38 2.16 -1.79
CA ASP A 54 18.40 2.31 -2.82
C ASP A 54 17.82 2.38 -4.23
N LEU A 55 16.69 1.73 -4.49
CA LEU A 55 16.22 1.52 -5.85
C LEU A 55 14.95 2.30 -6.19
N ALA A 56 14.09 2.50 -5.21
CA ALA A 56 12.87 3.28 -5.41
C ALA A 56 13.14 4.78 -5.26
N THR A 57 13.98 5.30 -6.16
CA THR A 57 14.34 6.70 -6.19
C THR A 57 14.46 7.18 -7.62
N PRO A 58 14.16 8.45 -7.89
CA PRO A 58 14.35 8.97 -9.24
C PRO A 58 15.78 8.91 -9.74
N LEU A 59 16.74 9.07 -8.82
CA LEU A 59 18.16 8.99 -9.19
C LEU A 59 18.55 7.59 -9.62
N ALA A 60 18.15 6.59 -8.82
CA ALA A 60 18.40 5.22 -9.22
C ALA A 60 17.83 4.92 -10.60
N PHE A 61 16.59 5.36 -10.87
CA PHE A 61 15.99 5.08 -12.17
C PHE A 61 16.68 5.85 -13.29
N ALA A 62 17.15 7.06 -12.99
CA ALA A 62 17.85 7.85 -13.98
C ALA A 62 19.16 7.19 -14.40
N HIS A 63 19.91 6.65 -13.43
CA HIS A 63 21.21 6.05 -13.69
C HIS A 63 21.14 4.61 -14.14
N ASN A 64 20.15 3.85 -13.64
CA ASN A 64 20.10 2.40 -13.85
C ASN A 64 18.66 1.94 -14.05
N PRO A 65 17.95 2.42 -15.09
CA PRO A 65 16.54 2.04 -15.24
C PRO A 65 16.33 0.55 -15.41
N SER A 66 17.27 -0.14 -16.03
CA SER A 66 17.15 -1.59 -16.14
C SER A 66 17.15 -2.27 -14.77
N ARG A 67 18.06 -1.87 -13.86
CA ARG A 67 18.09 -2.49 -12.54
C ARG A 67 16.81 -2.19 -11.77
N VAL A 68 16.32 -0.95 -11.87
CA VAL A 68 15.09 -0.61 -11.17
C VAL A 68 13.93 -1.41 -11.74
N TRP A 69 13.86 -1.54 -13.07
CA TRP A 69 12.81 -2.36 -13.66
C TRP A 69 12.97 -3.82 -13.29
N GLU A 70 14.20 -4.35 -13.16
CA GLU A 70 14.34 -5.72 -12.72
C GLU A 70 13.70 -5.91 -11.35
N PHE A 71 13.93 -4.96 -10.46
CA PHE A 71 13.39 -4.97 -9.11
C PHE A 71 11.87 -5.01 -9.14
N TYR A 72 11.25 -4.09 -9.90
CA TYR A 72 9.79 -4.05 -9.93
C TYR A 72 9.20 -5.23 -10.72
N HIS A 73 9.92 -5.73 -11.71
CA HIS A 73 9.47 -6.93 -12.40
C HIS A 73 9.39 -8.10 -11.43
N TYR A 74 10.44 -8.30 -10.65
CA TYR A 74 10.40 -9.37 -9.64
C TYR A 74 9.20 -9.23 -8.73
N ARG A 75 8.97 -8.03 -8.21
CA ARG A 75 7.88 -7.84 -7.27
C ARG A 75 6.52 -8.06 -7.93
N ARG A 76 6.37 -7.70 -9.21
CA ARG A 76 5.13 -8.01 -9.93
C ARG A 76 4.92 -9.52 -10.04
N GLU A 77 5.97 -10.25 -10.42
CA GLU A 77 5.82 -11.67 -10.69
C GLU A 77 5.62 -12.46 -9.40
N VAL A 78 6.23 -12.00 -8.31
CA VAL A 78 6.05 -12.63 -7.01
C VAL A 78 4.59 -12.68 -6.62
N MET A 79 3.78 -11.71 -7.07
CA MET A 79 2.39 -11.66 -6.64
C MET A 79 1.55 -12.83 -7.16
N GLY A 80 2.04 -13.53 -8.19
CA GLY A 80 1.33 -14.70 -8.68
C GLY A 80 1.23 -15.81 -7.67
N SER A 81 2.05 -15.78 -6.62
CA SER A 81 2.02 -16.79 -5.56
C SER A 81 1.55 -16.25 -4.22
N LYS A 82 0.93 -15.07 -4.18
CA LYS A 82 0.48 -14.47 -2.94
C LYS A 82 -1.02 -14.26 -3.00
N GLU A 83 -1.64 -14.32 -1.84
CA GLU A 83 -3.09 -14.19 -1.75
C GLU A 83 -3.45 -13.24 -0.63
N PRO A 84 -4.60 -12.56 -0.74
CA PRO A 84 -5.06 -11.75 0.39
C PRO A 84 -5.23 -12.62 1.62
N ASN A 85 -5.02 -12.02 2.79
CA ASN A 85 -5.17 -12.71 4.05
C ASN A 85 -6.52 -12.37 4.68
N ALA A 86 -6.77 -12.96 5.86
CA ALA A 86 -8.09 -12.77 6.49
C ALA A 86 -8.33 -11.31 6.86
N GLY A 87 -7.28 -10.53 7.05
CA GLY A 87 -7.46 -9.11 7.28
C GLY A 87 -7.97 -8.38 6.05
N HIS A 88 -7.34 -8.62 4.88
CA HIS A 88 -7.87 -8.07 3.63
C HIS A 88 -9.33 -8.47 3.45
N ARG A 89 -9.63 -9.74 3.72
CA ARG A 89 -10.98 -10.23 3.45
C ARG A 89 -12.00 -9.59 4.38
N ALA A 90 -11.66 -9.46 5.66
CA ALA A 90 -12.59 -8.83 6.60
C ALA A 90 -12.91 -7.40 6.14
N ILE A 91 -11.89 -6.68 5.67
CA ILE A 91 -12.04 -5.31 5.21
C ILE A 91 -12.93 -5.24 3.96
N ALA A 92 -12.68 -6.11 2.98
CA ALA A 92 -13.51 -6.14 1.78
C ALA A 92 -14.96 -6.51 2.09
N GLU A 93 -15.15 -7.56 2.90
CA GLU A 93 -16.50 -8.02 3.27
C GLU A 93 -17.24 -6.94 4.03
N CYS A 94 -16.50 -6.19 4.86
CA CYS A 94 -17.08 -5.06 5.57
C CYS A 94 -17.63 -4.02 4.61
N GLU A 95 -16.81 -3.62 3.63
CA GLU A 95 -17.25 -2.66 2.61
C GLU A 95 -18.51 -3.15 1.91
N THR A 96 -18.49 -4.40 1.45
CA THR A 96 -19.63 -4.93 0.71
C THR A 96 -20.90 -4.92 1.52
N ARG A 97 -20.83 -5.41 2.75
CA ARG A 97 -22.01 -5.51 3.62
C ARG A 97 -22.53 -4.12 4.00
N LEU A 98 -21.64 -3.23 4.42
CA LEU A 98 -22.06 -1.87 4.78
C LEU A 98 -22.60 -1.12 3.57
N GLY A 99 -22.00 -1.32 2.40
CA GLY A 99 -22.48 -0.65 1.20
C GLY A 99 -23.94 -0.95 0.91
N LYS A 100 -24.37 -2.19 1.14
CA LYS A 100 -25.77 -2.54 0.94
C LYS A 100 -26.68 -1.84 1.94
N GLN A 101 -26.14 -1.35 3.05
CA GLN A 101 -26.88 -0.63 4.06
C GLN A 101 -26.78 0.88 3.90
N GLY A 102 -26.15 1.34 2.83
CA GLY A 102 -25.94 2.76 2.64
C GLY A 102 -24.87 3.37 3.50
N ARG A 103 -23.88 2.58 3.90
CA ARG A 103 -22.81 3.03 4.77
C ARG A 103 -21.49 2.86 4.03
N ARG A 104 -20.59 3.81 4.23
CA ARG A 104 -19.38 3.90 3.45
C ARG A 104 -18.18 3.33 4.20
N VAL A 105 -17.35 2.58 3.47
CA VAL A 105 -16.04 2.14 3.94
C VAL A 105 -15.04 2.51 2.86
N VAL A 106 -13.97 3.19 3.24
CA VAL A 106 -12.91 3.51 2.31
C VAL A 106 -11.59 3.03 2.89
N VAL A 107 -10.75 2.48 2.05
CA VAL A 107 -9.44 1.98 2.46
C VAL A 107 -8.38 2.90 1.87
N ILE A 108 -7.55 3.48 2.73
CA ILE A 108 -6.43 4.31 2.32
C ILE A 108 -5.18 3.49 2.60
N THR A 109 -4.48 3.03 1.57
CA THR A 109 -3.36 2.11 1.77
C THR A 109 -2.07 2.67 1.19
N GLN A 110 -0.96 2.40 1.88
CA GLN A 110 0.34 2.65 1.32
C GLN A 110 0.86 1.45 0.54
N ASN A 111 0.17 0.33 0.62
CA ASN A 111 0.61 -0.88 -0.04
C ASN A 111 0.39 -0.76 -1.53
N ILE A 112 1.32 -1.32 -2.30
CA ILE A 112 1.31 -1.19 -3.75
C ILE A 112 1.01 -2.52 -4.44
N ASP A 113 0.68 -3.56 -3.68
CA ASP A 113 0.57 -4.91 -4.24
C ASP A 113 -0.85 -5.30 -4.67
N GLU A 114 -1.84 -4.43 -4.47
CA GLU A 114 -3.22 -4.61 -4.89
C GLU A 114 -3.95 -5.76 -4.20
N LEU A 115 -3.40 -6.30 -3.10
CA LEU A 115 -4.13 -7.41 -2.47
C LEU A 115 -5.47 -6.98 -1.93
N HIS A 116 -5.63 -5.72 -1.51
CA HIS A 116 -6.95 -5.24 -1.15
C HIS A 116 -7.93 -5.36 -2.33
N ARG A 117 -7.49 -5.01 -3.55
CA ARG A 117 -8.35 -5.15 -4.73
C ARG A 117 -8.63 -6.61 -5.01
N LYS A 118 -7.62 -7.44 -4.87
CA LYS A 118 -7.82 -8.86 -5.14
C LYS A 118 -8.81 -9.47 -4.15
N ALA A 119 -8.93 -8.90 -2.94
CA ALA A 119 -9.89 -9.36 -1.94
C ALA A 119 -11.30 -8.86 -2.20
N GLY A 120 -11.48 -7.90 -3.09
CA GLY A 120 -12.79 -7.38 -3.44
C GLY A 120 -13.05 -5.96 -2.97
N THR A 121 -12.08 -5.31 -2.35
CA THR A 121 -12.21 -3.88 -2.04
C THR A 121 -12.35 -3.03 -3.30
N LYS A 122 -13.38 -2.18 -3.36
CA LYS A 122 -13.54 -1.28 -4.48
C LYS A 122 -13.17 0.17 -4.16
N ASN A 123 -13.48 0.61 -2.95
CA ASN A 123 -13.22 1.97 -2.51
C ASN A 123 -11.83 2.05 -1.90
N LEU A 124 -10.85 2.24 -2.75
CA LEU A 124 -9.44 2.09 -2.39
C LEU A 124 -8.66 3.31 -2.89
N LEU A 125 -7.93 3.96 -1.97
CA LEU A 125 -7.02 5.06 -2.28
C LEU A 125 -5.60 4.53 -2.06
N GLU A 126 -4.89 4.31 -3.15
CA GLU A 126 -3.53 3.75 -3.13
C GLU A 126 -2.57 4.92 -3.15
N ILE A 127 -2.16 5.37 -1.96
CA ILE A 127 -1.40 6.62 -1.90
C ILE A 127 0.01 6.48 -2.41
N HIS A 128 0.54 5.25 -2.51
CA HIS A 128 1.85 5.05 -3.13
C HIS A 128 1.77 4.42 -4.51
N GLY A 129 0.58 4.37 -5.12
CA GLY A 129 0.45 3.82 -6.45
C GLY A 129 0.35 2.31 -6.41
N SER A 130 0.77 1.68 -7.52
CA SER A 130 0.56 0.24 -7.69
C SER A 130 1.66 -0.38 -8.56
N LEU A 131 2.08 -1.59 -8.17
CA LEU A 131 2.96 -2.42 -8.99
C LEU A 131 2.39 -2.70 -10.34
N PHE A 132 1.07 -2.65 -10.47
CA PHE A 132 0.36 -3.01 -11.70
C PHE A 132 -0.20 -1.80 -12.42
N LYS A 133 0.46 -0.66 -12.26
CA LYS A 133 0.24 0.49 -13.11
C LYS A 133 1.58 1.01 -13.57
N THR A 134 1.60 1.54 -14.80
CA THR A 134 2.75 2.22 -15.36
C THR A 134 2.43 3.69 -15.53
N ARG A 135 3.50 4.49 -15.55
CA ARG A 135 3.39 5.90 -15.91
C ARG A 135 4.45 6.23 -16.96
N CYS A 136 4.04 6.89 -18.04
CA CYS A 136 4.98 7.25 -19.08
C CYS A 136 5.80 8.46 -18.67
N THR A 137 7.12 8.34 -18.72
CA THR A 137 7.96 9.45 -18.33
C THR A 137 7.99 10.56 -19.38
N SER A 138 7.39 10.34 -20.55
CA SER A 138 7.28 11.39 -21.56
C SER A 138 5.92 12.05 -21.57
N CYS A 139 4.84 11.26 -21.68
CA CYS A 139 3.52 11.84 -21.83
C CYS A 139 2.69 11.82 -20.56
N GLY A 140 3.14 11.15 -19.49
CA GLY A 140 2.44 11.15 -18.24
C GLY A 140 1.28 10.18 -18.13
N VAL A 141 0.93 9.46 -19.20
CA VAL A 141 -0.26 8.61 -19.13
C VAL A 141 -0.03 7.50 -18.11
N VAL A 142 -1.04 7.23 -17.30
CA VAL A 142 -1.04 6.13 -16.33
C VAL A 142 -1.90 5.01 -16.90
N ALA A 143 -1.37 3.79 -16.90
CA ALA A 143 -2.08 2.63 -17.46
C ALA A 143 -2.01 1.45 -16.51
N GLU A 144 -3.09 0.66 -16.49
CA GLU A 144 -3.07 -0.65 -15.85
C GLU A 144 -2.18 -1.58 -16.65
N ASN A 145 -1.44 -2.44 -15.96
CA ASN A 145 -0.55 -3.39 -16.64
C ASN A 145 -0.33 -4.59 -15.74
N TYR A 146 -0.92 -5.72 -16.14
CA TYR A 146 -0.78 -6.99 -15.44
C TYR A 146 0.00 -8.02 -16.27
N LYS A 147 0.64 -7.60 -17.35
CA LYS A 147 1.26 -8.56 -18.26
C LYS A 147 2.44 -9.25 -17.59
N SER A 148 2.54 -10.55 -17.84
CA SER A 148 3.61 -11.41 -17.33
C SER A 148 4.35 -11.99 -18.51
N PRO A 149 5.53 -11.44 -18.82
CA PRO A 149 6.28 -10.34 -18.22
C PRO A 149 5.85 -9.01 -18.81
N ILE A 150 6.18 -7.90 -18.15
CA ILE A 150 5.75 -6.60 -18.65
C ILE A 150 6.38 -6.28 -20.01
N CYS A 151 7.59 -6.76 -20.27
CA CYS A 151 8.18 -6.71 -21.60
C CYS A 151 9.03 -7.95 -21.79
N PRO A 152 9.27 -8.36 -23.03
CA PRO A 152 10.01 -9.60 -23.26
C PRO A 152 11.40 -9.61 -22.68
N ALA A 153 12.10 -8.49 -22.71
CA ALA A 153 13.48 -8.46 -22.23
C ALA A 153 13.57 -8.76 -20.74
N LEU A 154 12.48 -8.58 -19.98
CA LEU A 154 12.53 -8.82 -18.55
C LEU A 154 12.19 -10.26 -18.19
N SER A 155 11.79 -11.08 -19.16
CA SER A 155 11.48 -12.48 -18.88
C SER A 155 12.68 -13.15 -18.25
N GLY A 156 12.47 -13.69 -17.05
CA GLY A 156 13.51 -14.41 -16.34
C GLY A 156 14.51 -13.53 -15.63
N LYS A 157 14.35 -12.21 -15.67
CA LYS A 157 15.22 -11.30 -14.96
C LYS A 157 14.61 -10.94 -13.60
N GLY A 158 15.30 -10.07 -12.86
CA GLY A 158 14.88 -9.70 -11.52
C GLY A 158 15.11 -10.75 -10.45
N ALA A 159 15.86 -11.81 -10.73
CA ALA A 159 16.14 -12.79 -9.69
C ALA A 159 16.68 -12.06 -8.46
N PRO A 160 16.25 -12.41 -7.24
CA PRO A 160 16.61 -11.63 -6.07
C PRO A 160 17.89 -12.06 -5.36
N GLU A 161 18.50 -13.16 -5.78
CA GLU A 161 19.58 -13.73 -4.98
C GLU A 161 20.82 -12.83 -5.05
N PRO A 162 21.49 -12.58 -3.92
CA PRO A 162 22.77 -11.90 -4.00
C PRO A 162 23.67 -12.62 -5.00
N GLY A 163 24.53 -11.85 -5.67
CA GLY A 163 25.36 -12.34 -6.73
C GLY A 163 24.76 -12.28 -8.12
N THR A 164 23.46 -12.05 -8.23
CA THR A 164 22.85 -11.97 -9.55
C THR A 164 23.36 -10.71 -10.26
N GLN A 165 23.84 -10.87 -11.48
CA GLN A 165 24.32 -9.71 -12.22
C GLN A 165 23.16 -8.90 -12.79
N ASP A 166 23.40 -7.60 -12.98
CA ASP A 166 22.47 -6.74 -13.69
C ASP A 166 22.15 -7.30 -15.07
N ALA A 167 20.88 -7.23 -15.44
CA ALA A 167 20.52 -7.62 -16.80
C ALA A 167 21.01 -6.62 -17.84
N SER A 168 21.16 -5.35 -17.45
CA SER A 168 21.67 -4.29 -18.32
C SER A 168 20.91 -4.26 -19.64
N ILE A 169 19.59 -4.25 -19.54
CA ILE A 169 18.72 -4.18 -20.72
C ILE A 169 18.79 -2.78 -21.32
N PRO A 170 19.02 -2.63 -22.63
CA PRO A 170 18.99 -1.30 -23.24
C PRO A 170 17.66 -0.63 -23.00
N VAL A 171 17.66 0.69 -22.77
CA VAL A 171 16.40 1.39 -22.44
C VAL A 171 15.35 1.22 -23.51
N GLU A 172 15.74 1.04 -24.78
CA GLU A 172 14.78 0.86 -25.85
C GLU A 172 13.98 -0.44 -25.69
N LYS A 173 14.53 -1.41 -24.96
CA LYS A 173 13.85 -2.67 -24.73
C LYS A 173 13.20 -2.77 -23.36
N LEU A 174 13.28 -1.74 -22.53
CA LEU A 174 12.50 -1.67 -21.30
C LEU A 174 11.06 -1.34 -21.67
N PRO A 175 10.13 -1.40 -20.70
CA PRO A 175 8.72 -1.15 -21.06
C PRO A 175 8.53 0.24 -21.64
N ARG A 176 7.90 0.29 -22.81
CA ARG A 176 7.68 1.53 -23.54
C ARG A 176 6.19 1.85 -23.61
N CYS A 177 5.89 3.14 -23.72
CA CYS A 177 4.50 3.61 -23.78
C CYS A 177 3.85 3.17 -25.09
N GLU A 178 2.60 2.70 -25.00
CA GLU A 178 1.90 2.19 -26.17
C GLU A 178 0.82 3.16 -26.64
N GLU A 179 0.78 4.37 -26.10
CA GLU A 179 -0.06 5.41 -26.70
C GLU A 179 0.42 5.69 -28.12
N ALA A 180 -0.52 5.89 -29.03
CA ALA A 180 -0.19 6.25 -30.40
C ALA A 180 0.70 7.48 -30.44
N GLY A 181 1.86 7.34 -31.06
CA GLY A 181 2.76 8.45 -31.18
C GLY A 181 3.51 8.84 -29.94
N CYS A 182 3.67 7.95 -28.95
CA CYS A 182 4.54 8.29 -27.81
C CYS A 182 5.79 7.43 -27.78
N GLY A 183 5.70 6.16 -27.40
CA GLY A 183 6.92 5.36 -27.29
C GLY A 183 7.89 5.71 -26.17
N GLY A 184 7.53 6.60 -25.24
CA GLY A 184 8.42 6.96 -24.17
C GLY A 184 8.69 5.82 -23.20
N LEU A 185 9.70 6.03 -22.36
CA LEU A 185 10.08 5.02 -21.36
C LEU A 185 9.11 5.04 -20.19
N LEU A 186 8.55 3.87 -19.87
CA LEU A 186 7.66 3.77 -18.73
C LEU A 186 8.45 3.58 -17.44
N ARG A 187 7.89 4.09 -16.38
CA ARG A 187 8.30 3.76 -15.04
C ARG A 187 7.12 3.12 -14.32
N PRO A 188 7.38 2.42 -13.24
CA PRO A 188 6.29 2.00 -12.35
C PRO A 188 5.53 3.22 -11.84
N HIS A 189 4.20 3.11 -11.78
CA HIS A 189 3.38 4.17 -11.20
C HIS A 189 3.31 3.96 -9.69
N VAL A 190 4.48 4.16 -9.06
CA VAL A 190 4.61 4.08 -7.61
C VAL A 190 5.36 5.33 -7.17
N VAL A 191 5.04 5.76 -5.96
CA VAL A 191 5.73 6.89 -5.36
C VAL A 191 7.11 6.42 -4.90
N TRP A 192 8.13 7.18 -5.25
CA TRP A 192 9.48 6.88 -4.85
C TRP A 192 9.92 7.77 -3.69
N PHE A 193 11.01 7.34 -3.05
CA PHE A 193 11.58 8.17 -2.01
C PHE A 193 11.95 9.53 -2.58
N GLY A 194 11.65 10.57 -1.82
CA GLY A 194 11.92 11.93 -2.26
C GLY A 194 10.88 12.49 -3.18
N GLU A 195 9.77 11.81 -3.38
CA GLU A 195 8.76 12.27 -4.33
C GLU A 195 7.51 12.71 -3.58
N ASN A 196 6.75 13.53 -4.30
CA ASN A 196 5.45 14.02 -3.88
C ASN A 196 4.38 12.92 -4.02
N LEU A 197 3.39 12.92 -3.11
CA LEU A 197 2.16 12.17 -3.37
C LEU A 197 1.33 12.90 -4.42
N ASP A 198 0.39 12.19 -5.01
CA ASP A 198 -0.48 12.79 -5.98
C ASP A 198 -1.40 13.78 -5.27
N PRO A 199 -1.38 15.07 -5.58
CA PRO A 199 -2.26 15.98 -4.82
C PRO A 199 -3.74 15.64 -4.95
N ALA A 200 -4.14 15.04 -6.06
CA ALA A 200 -5.54 14.65 -6.24
C ALA A 200 -5.92 13.56 -5.25
N ILE A 201 -5.04 12.57 -5.06
CA ILE A 201 -5.25 11.56 -4.03
C ILE A 201 -5.30 12.20 -2.66
N LEU A 202 -4.39 13.13 -2.36
CA LEU A 202 -4.43 13.79 -1.06
C LEU A 202 -5.74 14.54 -0.86
N GLU A 203 -6.26 15.16 -1.91
CA GLU A 203 -7.56 15.83 -1.81
C GLU A 203 -8.66 14.83 -1.47
N GLU A 204 -8.65 13.67 -2.13
CA GLU A 204 -9.65 12.65 -1.83
C GLU A 204 -9.48 12.15 -0.40
N VAL A 205 -8.24 11.95 0.03
CA VAL A 205 -7.98 11.54 1.41
C VAL A 205 -8.58 12.56 2.39
N ASP A 206 -8.34 13.85 2.15
CA ASP A 206 -8.86 14.84 3.10
C ASP A 206 -10.37 14.78 3.20
N ARG A 207 -11.04 14.62 2.07
CA ARG A 207 -12.48 14.56 2.06
C ARG A 207 -12.97 13.41 2.93
N GLU A 208 -12.30 12.26 2.85
CA GLU A 208 -12.77 11.12 3.64
C GLU A 208 -12.51 11.36 5.12
N LEU A 209 -11.32 11.86 5.45
CA LEU A 209 -10.97 12.10 6.84
C LEU A 209 -11.90 13.14 7.45
N ALA A 210 -12.35 14.10 6.63
CA ALA A 210 -13.22 15.16 7.12
C ALA A 210 -14.63 14.69 7.43
N HIS A 211 -15.11 13.65 6.75
CA HIS A 211 -16.49 13.21 6.90
C HIS A 211 -16.66 11.93 7.71
N CYS A 212 -15.59 11.19 7.95
CA CYS A 212 -15.75 9.89 8.59
C CYS A 212 -16.19 10.02 10.04
N ASP A 213 -16.85 8.97 10.55
CA ASP A 213 -17.24 8.91 11.95
C ASP A 213 -16.55 7.76 12.68
N LEU A 214 -15.61 7.07 12.04
CA LEU A 214 -14.80 6.03 12.67
C LEU A 214 -13.57 5.80 11.81
N CYS A 215 -12.40 5.73 12.44
CA CYS A 215 -11.16 5.53 11.72
C CYS A 215 -10.40 4.34 12.29
N LEU A 216 -10.00 3.42 11.41
CA LEU A 216 -9.15 2.31 11.80
C LEU A 216 -7.76 2.50 11.21
N VAL A 217 -6.75 2.19 12.00
CA VAL A 217 -5.38 2.14 11.55
C VAL A 217 -4.93 0.70 11.70
N VAL A 218 -4.54 0.08 10.58
CA VAL A 218 -4.33 -1.38 10.55
C VAL A 218 -2.97 -1.71 9.96
N GLY A 219 -2.22 -2.59 10.64
CA GLY A 219 -0.92 -2.99 10.14
C GLY A 219 0.14 -1.92 10.17
N THR A 220 -0.02 -0.92 11.02
CA THR A 220 0.94 0.15 11.16
C THR A 220 0.61 0.93 12.42
N SER A 221 1.49 1.84 12.78
CA SER A 221 1.31 2.66 13.98
C SER A 221 0.77 4.04 13.60
N SER A 222 -0.09 4.57 14.47
CA SER A 222 -0.74 5.86 14.27
C SER A 222 0.22 7.04 14.46
N VAL A 223 1.44 6.79 14.92
CA VAL A 223 2.38 7.87 15.24
C VAL A 223 3.54 7.90 14.26
N VAL A 224 3.47 7.13 13.17
CA VAL A 224 4.48 7.17 12.13
C VAL A 224 3.76 7.35 10.81
N TYR A 225 4.52 7.70 9.80
CA TYR A 225 4.00 7.85 8.44
C TYR A 225 3.57 6.49 7.93
N PRO A 226 2.43 6.41 7.22
CA PRO A 226 1.52 7.50 6.80
C PRO A 226 0.42 7.85 7.77
N ALA A 227 0.11 6.95 8.72
CA ALA A 227 -1.04 7.18 9.57
C ALA A 227 -0.92 8.49 10.34
N ALA A 228 0.30 8.84 10.76
CA ALA A 228 0.48 10.07 11.52
C ALA A 228 0.08 11.32 10.72
N MET A 229 -0.01 11.23 9.39
CA MET A 229 -0.47 12.37 8.60
C MET A 229 -1.99 12.50 8.60
N PHE A 230 -2.71 11.43 8.90
CA PHE A 230 -4.15 11.37 8.74
C PHE A 230 -4.91 11.22 10.05
N ALA A 231 -4.44 10.35 10.96
CA ALA A 231 -5.23 10.01 12.14
C ALA A 231 -5.38 11.18 13.11
N PRO A 232 -4.33 11.99 13.36
CA PRO A 232 -4.46 13.06 14.36
C PRO A 232 -5.61 14.03 14.10
N GLN A 233 -5.86 14.39 12.86
CA GLN A 233 -6.94 15.33 12.59
C GLN A 233 -8.31 14.68 12.67
N VAL A 234 -8.40 13.38 12.46
CA VAL A 234 -9.63 12.67 12.79
C VAL A 234 -9.88 12.71 14.29
N ALA A 235 -8.87 12.30 15.08
CA ALA A 235 -9.01 12.32 16.53
C ALA A 235 -9.29 13.73 17.03
N ALA A 236 -8.77 14.76 16.35
CA ALA A 236 -9.03 16.13 16.77
C ALA A 236 -10.50 16.48 16.69
N ARG A 237 -11.24 15.95 15.72
CA ARG A 237 -12.67 16.20 15.60
C ARG A 237 -13.49 15.40 16.61
N GLY A 238 -12.85 14.59 17.44
CA GLY A 238 -13.58 13.74 18.37
C GLY A 238 -14.02 12.41 17.80
N VAL A 239 -13.46 12.00 16.68
CA VAL A 239 -13.82 10.73 16.05
C VAL A 239 -12.95 9.62 16.62
N PRO A 240 -13.52 8.48 17.00
CA PRO A 240 -12.70 7.40 17.56
C PRO A 240 -11.71 6.86 16.53
N VAL A 241 -10.49 6.62 16.97
CA VAL A 241 -9.46 5.97 16.17
C VAL A 241 -9.11 4.66 16.85
N ALA A 242 -9.19 3.56 16.10
CA ALA A 242 -8.88 2.23 16.62
C ALA A 242 -7.69 1.67 15.86
N GLU A 243 -6.66 1.28 16.61
CA GLU A 243 -5.41 0.78 16.08
C GLU A 243 -5.37 -0.74 16.19
N PHE A 244 -5.00 -1.40 15.08
CA PHE A 244 -4.88 -2.86 14.97
C PHE A 244 -3.48 -3.17 14.47
N ASN A 245 -2.58 -3.59 15.36
CA ASN A 245 -1.22 -3.84 14.94
C ASN A 245 -0.56 -4.78 15.95
N THR A 246 0.69 -5.15 15.66
CA THR A 246 1.40 -6.16 16.42
C THR A 246 2.28 -5.57 17.51
N GLU A 247 2.24 -4.26 17.71
CA GLU A 247 2.97 -3.66 18.82
C GLU A 247 2.31 -4.03 20.13
N THR A 248 3.14 -4.32 21.14
CA THR A 248 2.63 -4.61 22.47
C THR A 248 2.23 -3.33 23.18
N THR A 249 3.05 -2.30 23.04
CA THR A 249 2.78 -0.99 23.60
C THR A 249 2.20 -0.09 22.52
N PRO A 250 0.94 0.38 22.64
CA PRO A 250 0.48 1.40 21.69
C PRO A 250 1.32 2.66 21.83
N ALA A 251 2.20 2.94 20.86
CA ALA A 251 3.14 4.05 21.01
C ALA A 251 2.42 5.40 21.08
N THR A 252 1.32 5.47 21.83
CA THR A 252 0.39 6.59 21.75
C THR A 252 -0.75 6.46 22.74
N ASN A 253 -1.17 7.57 23.32
CA ASN A 253 -2.50 7.70 23.87
C ASN A 253 -3.29 8.58 22.90
N ARG A 254 -4.39 9.18 23.38
CA ARG A 254 -5.26 10.00 22.55
C ARG A 254 -6.20 9.14 21.72
N PHE A 255 -5.71 8.03 21.18
CA PHE A 255 -6.55 7.17 20.37
C PHE A 255 -7.28 6.18 21.24
N ARG A 256 -8.50 5.87 20.81
CA ARG A 256 -9.48 5.26 21.70
C ARG A 256 -9.20 3.78 21.92
N PHE A 257 -8.72 3.07 20.91
CA PHE A 257 -8.59 1.62 20.98
C PHE A 257 -7.24 1.16 20.43
N HIS A 258 -6.73 0.10 21.02
CA HIS A 258 -5.58 -0.60 20.48
C HIS A 258 -5.79 -2.08 20.64
N PHE A 259 -5.74 -2.80 19.54
CA PHE A 259 -5.91 -4.25 19.51
C PHE A 259 -4.64 -4.86 18.98
N GLN A 260 -4.00 -5.66 19.82
CA GLN A 260 -2.73 -6.28 19.50
C GLN A 260 -2.94 -7.63 18.85
N GLY A 261 -2.16 -7.89 17.82
CA GLY A 261 -2.20 -9.15 17.10
C GLY A 261 -2.14 -9.00 15.60
N PRO A 262 -1.96 -10.12 14.89
CA PRO A 262 -2.08 -10.08 13.43
C PRO A 262 -3.46 -9.57 13.04
N CYS A 263 -3.49 -8.66 12.04
N CYS A 263 -3.48 -8.67 12.04
CA CYS A 263 -4.77 -8.15 11.56
CA CYS A 263 -4.75 -8.14 11.55
C CYS A 263 -5.71 -9.26 11.11
C CYS A 263 -5.69 -9.25 11.12
N GLY A 264 -5.15 -10.35 10.58
CA GLY A 264 -5.99 -11.47 10.19
C GLY A 264 -6.61 -12.23 11.35
N THR A 265 -6.17 -11.97 12.58
CA THR A 265 -6.81 -12.53 13.76
C THR A 265 -7.84 -11.58 14.35
N THR A 266 -7.50 -10.29 14.44
CA THR A 266 -8.38 -9.35 15.11
C THR A 266 -9.47 -8.77 14.22
N LEU A 267 -9.17 -8.49 12.95
CA LEU A 267 -10.16 -7.80 12.10
C LEU A 267 -11.38 -8.66 11.76
N PRO A 268 -11.25 -9.97 11.51
CA PRO A 268 -12.48 -10.74 11.25
C PRO A 268 -13.49 -10.60 12.37
N GLU A 269 -13.02 -10.58 13.62
CA GLU A 269 -13.93 -10.40 14.73
C GLU A 269 -14.42 -8.96 14.83
N ALA A 270 -13.49 -8.00 14.72
CA ALA A 270 -13.86 -6.61 14.87
C ALA A 270 -14.87 -6.15 13.83
N LEU A 271 -14.70 -6.59 12.58
CA LEU A 271 -15.52 -6.09 11.49
C LEU A 271 -16.66 -7.02 11.09
N ALA A 272 -16.96 -8.02 11.90
CA ALA A 272 -18.04 -8.97 11.60
C ALA A 272 -19.41 -8.29 11.46
N SER B 2 16.15 7.87 -1.45
N SER B 2 15.95 7.68 -1.23
CA SER B 2 16.62 7.14 -0.27
CA SER B 2 16.47 6.91 -0.11
C SER B 2 16.29 7.74 1.11
C SER B 2 16.05 7.33 1.32
N LEU B 3 15.13 7.32 1.90
N LEU B 3 14.66 7.44 1.80
CA LEU B 3 14.92 8.00 3.18
CA LEU B 3 14.41 7.83 3.19
C LEU B 3 13.94 7.28 4.14
C LEU B 3 12.95 8.08 3.58
N GLY B 4 12.51 7.60 4.02
N GLY B 4 12.35 9.31 3.07
CA GLY B 4 11.37 7.08 4.78
CA GLY B 4 11.00 9.76 3.38
C GLY B 4 10.31 7.70 3.84
C GLY B 4 10.35 9.89 2.02
#